data_8POC
#
_entry.id   8POC
#
_cell.length_a   1.00
_cell.length_b   1.00
_cell.length_c   1.00
_cell.angle_alpha   90.00
_cell.angle_beta   90.00
_cell.angle_gamma   90.00
#
_symmetry.space_group_name_H-M   'P 1'
#
_entity_poly.entity_id   1
_entity_poly.type   'polypeptide(L)'
_entity_poly.pdbx_seq_one_letter_code
;MGSMSDLQQHALNYYRQQQLPSGWADLFGVIVNGMMDNAGEREGLAFLRHIGGQLAERYPLPAAVTVVDLEREINRVLSL
FHWGCVDLRPYENRLEIYHLALPASVNSSGSVRWRMAMAAVLQGLYSRWLREQGGVESVPLSCEETDSESTLLFRYQH
;
_entity_poly.pdbx_strand_id   A,B,C,D
#
# COMPACT_ATOMS: atom_id res chain seq x y z
N MET A 4 -20.51 14.56 19.13
CA MET A 4 -19.91 14.66 17.80
C MET A 4 -19.36 16.06 17.54
N SER A 5 -18.82 16.26 16.35
CA SER A 5 -18.30 17.55 15.90
C SER A 5 -18.00 17.43 14.41
N ASP A 6 -17.76 18.58 13.78
CA ASP A 6 -17.36 18.56 12.38
C ASP A 6 -15.98 17.93 12.20
N LEU A 7 -15.09 18.12 13.18
CA LEU A 7 -13.75 17.53 13.09
C LEU A 7 -13.83 16.01 13.06
N GLN A 8 -14.70 15.42 13.88
CA GLN A 8 -14.87 13.98 13.86
C GLN A 8 -15.35 13.50 12.50
N GLN A 9 -16.29 14.24 11.91
CA GLN A 9 -16.79 13.88 10.59
C GLN A 9 -15.69 13.95 9.54
N HIS A 10 -14.87 15.01 9.56
CA HIS A 10 -13.77 15.10 8.61
C HIS A 10 -12.79 13.95 8.78
N ALA A 11 -12.41 13.65 10.02
CA ALA A 11 -11.46 12.58 10.26
C ALA A 11 -11.99 11.24 9.77
N LEU A 12 -13.24 10.92 10.13
CA LEU A 12 -13.81 9.64 9.75
C LEU A 12 -13.99 9.54 8.24
N ASN A 13 -14.42 10.64 7.60
CA ASN A 13 -14.59 10.62 6.16
C ASN A 13 -13.26 10.42 5.45
N TYR A 14 -12.20 11.09 5.91
CA TYR A 14 -10.89 10.90 5.29
C TYR A 14 -10.40 9.47 5.47
N TYR A 15 -10.58 8.92 6.67
CA TYR A 15 -10.18 7.54 6.91
C TYR A 15 -10.92 6.57 5.98
N ARG A 16 -12.24 6.76 5.85
CA ARG A 16 -13.01 5.87 4.97
C ARG A 16 -12.62 6.07 3.51
N GLN A 17 -12.27 7.29 3.11
CA GLN A 17 -11.82 7.52 1.75
C GLN A 17 -10.52 6.76 1.47
N GLN A 18 -9.60 6.74 2.42
CA GLN A 18 -8.35 6.01 2.24
C GLN A 18 -8.50 4.51 2.41
N GLN A 19 -9.72 3.97 2.41
CA GLN A 19 -9.89 2.55 2.70
C GLN A 19 -9.77 1.68 1.46
N LEU A 20 -10.36 2.11 0.35
CA LEU A 20 -10.38 1.15 -0.76
C LEU A 20 -9.33 1.48 -1.81
N PRO A 21 -8.55 0.49 -2.24
CA PRO A 21 -7.55 0.74 -3.28
C PRO A 21 -8.19 0.82 -4.66
N SER A 22 -7.66 1.71 -5.49
CA SER A 22 -8.20 1.91 -6.82
C SER A 22 -7.88 0.71 -7.71
N GLY A 23 -8.67 0.57 -8.76
CA GLY A 23 -8.47 -0.47 -9.75
C GLY A 23 -9.21 -1.76 -9.48
N TRP A 24 -8.79 -2.51 -8.46
CA TRP A 24 -9.43 -3.79 -8.18
C TRP A 24 -10.85 -3.60 -7.66
N ALA A 25 -11.02 -2.66 -6.72
CA ALA A 25 -12.34 -2.45 -6.12
C ALA A 25 -13.34 -1.96 -7.16
N ASP A 26 -12.94 -1.02 -8.02
CA ASP A 26 -13.83 -0.56 -9.07
C ASP A 26 -14.18 -1.69 -10.02
N LEU A 27 -13.21 -2.56 -10.30
CA LEU A 27 -13.49 -3.71 -11.16
C LEU A 27 -14.53 -4.63 -10.53
N PHE A 28 -14.42 -4.88 -9.23
CA PHE A 28 -15.43 -5.69 -8.54
C PHE A 28 -16.80 -5.00 -8.60
N GLY A 29 -16.82 -3.69 -8.41
CA GLY A 29 -18.09 -2.97 -8.47
C GLY A 29 -18.75 -3.09 -9.82
N VAL A 30 -17.98 -2.91 -10.90
CA VAL A 30 -18.55 -3.05 -12.24
C VAL A 30 -19.02 -4.48 -12.48
N ILE A 31 -18.25 -5.47 -12.02
CA ILE A 31 -18.64 -6.87 -12.22
C ILE A 31 -19.96 -7.16 -11.54
N VAL A 32 -20.11 -6.73 -10.29
CA VAL A 32 -21.34 -7.04 -9.56
C VAL A 32 -22.52 -6.26 -10.15
N ASN A 33 -22.29 -5.01 -10.56
CA ASN A 33 -23.37 -4.25 -11.18
C ASN A 33 -23.86 -4.92 -12.45
N GLY A 34 -22.92 -5.34 -13.30
CA GLY A 34 -23.31 -6.00 -14.54
C GLY A 34 -24.02 -7.31 -14.30
N MET A 35 -23.50 -8.13 -13.38
CA MET A 35 -24.13 -9.43 -13.12
C MET A 35 -25.52 -9.26 -12.53
N MET A 36 -25.71 -8.31 -11.61
CA MET A 36 -27.03 -8.09 -11.03
C MET A 36 -28.00 -7.54 -12.08
N ASP A 37 -27.51 -6.69 -12.98
CA ASP A 37 -28.36 -6.20 -14.06
C ASP A 37 -28.75 -7.33 -15.01
N ASN A 38 -27.85 -8.28 -15.22
CA ASN A 38 -28.11 -9.34 -16.18
C ASN A 38 -29.02 -10.43 -15.62
N ALA A 39 -28.60 -11.09 -14.54
CA ALA A 39 -29.24 -12.33 -14.11
C ALA A 39 -30.33 -12.15 -13.06
N GLY A 40 -30.50 -10.96 -12.51
CA GLY A 40 -31.51 -10.73 -11.50
C GLY A 40 -30.92 -10.62 -10.10
N GLU A 41 -31.83 -10.57 -9.12
CA GLU A 41 -31.42 -10.36 -7.73
C GLU A 41 -31.15 -11.66 -6.98
N ARG A 42 -32.14 -12.56 -6.91
CA ARG A 42 -32.01 -13.75 -6.09
C ARG A 42 -30.84 -14.62 -6.57
N GLU A 43 -30.72 -14.81 -7.89
CA GLU A 43 -29.61 -15.58 -8.42
C GLU A 43 -28.28 -14.90 -8.14
N GLY A 44 -28.25 -13.57 -8.22
CA GLY A 44 -27.02 -12.85 -7.90
C GLY A 44 -26.58 -13.06 -6.47
N LEU A 45 -27.53 -12.97 -5.53
CA LEU A 45 -27.20 -13.21 -4.13
C LEU A 45 -26.73 -14.64 -3.90
N ALA A 46 -27.40 -15.62 -4.51
CA ALA A 46 -26.97 -17.00 -4.34
C ALA A 46 -25.57 -17.21 -4.89
N PHE A 47 -25.29 -16.66 -6.07
CA PHE A 47 -23.97 -16.80 -6.68
C PHE A 47 -22.90 -16.14 -5.83
N LEU A 48 -23.19 -14.95 -5.29
CA LEU A 48 -22.20 -14.25 -4.47
C LEU A 48 -21.95 -15.01 -3.17
N ARG A 49 -22.98 -15.62 -2.59
CA ARG A 49 -22.77 -16.45 -1.41
C ARG A 49 -21.89 -17.65 -1.72
N HIS A 50 -22.10 -18.28 -2.88
CA HIS A 50 -21.27 -19.40 -3.28
C HIS A 50 -19.81 -18.96 -3.48
N ILE A 51 -19.62 -17.79 -4.09
CA ILE A 51 -18.27 -17.26 -4.26
C ILE A 51 -17.62 -16.99 -2.91
N GLY A 52 -18.38 -16.45 -1.96
CA GLY A 52 -17.85 -16.24 -0.63
C GLY A 52 -17.43 -17.54 0.03
N GLY A 53 -18.22 -18.59 -0.14
CA GLY A 53 -17.84 -19.89 0.39
C GLY A 53 -16.55 -20.40 -0.22
N GLN A 54 -16.43 -20.29 -1.55
CA GLN A 54 -15.21 -20.74 -2.22
C GLN A 54 -14.00 -19.95 -1.75
N LEU A 55 -14.14 -18.63 -1.58
CA LEU A 55 -13.04 -17.81 -1.09
C LEU A 55 -12.68 -18.19 0.34
N ALA A 56 -13.68 -18.51 1.16
CA ALA A 56 -13.42 -18.95 2.53
C ALA A 56 -12.64 -20.25 2.55
N GLU A 57 -12.93 -21.15 1.61
CA GLU A 57 -12.22 -22.42 1.56
C GLU A 57 -10.71 -22.25 1.37
N ARG A 58 -10.28 -21.14 0.75
CA ARG A 58 -8.86 -20.96 0.47
C ARG A 58 -8.06 -20.65 1.73
N TYR A 59 -8.62 -19.86 2.64
CA TYR A 59 -7.90 -19.46 3.85
C TYR A 59 -8.36 -20.31 5.03
N PRO A 60 -7.53 -21.21 5.53
CA PRO A 60 -7.93 -22.03 6.69
C PRO A 60 -7.58 -21.38 8.02
N LEU A 61 -8.57 -21.21 8.89
CA LEU A 61 -8.29 -20.72 10.23
C LEU A 61 -7.73 -21.84 11.10
N PRO A 62 -6.71 -21.55 11.90
CA PRO A 62 -6.22 -22.56 12.85
C PRO A 62 -7.28 -22.90 13.88
N ALA A 63 -7.21 -24.13 14.39
CA ALA A 63 -8.19 -24.62 15.34
C ALA A 63 -8.07 -23.87 16.65
N ALA A 64 -9.12 -23.12 17.00
CA ALA A 64 -9.15 -22.36 18.24
C ALA A 64 -9.97 -23.10 19.29
N VAL A 65 -9.90 -22.61 20.52
CA VAL A 65 -10.59 -23.24 21.65
C VAL A 65 -11.57 -22.31 22.35
N THR A 66 -11.38 -21.00 22.33
CA THR A 66 -12.28 -20.06 22.96
C THR A 66 -12.75 -19.04 21.94
N VAL A 67 -13.82 -18.32 22.29
CA VAL A 67 -14.42 -17.36 21.36
C VAL A 67 -13.45 -16.21 21.09
N VAL A 68 -12.77 -15.71 22.12
CA VAL A 68 -11.86 -14.58 21.92
C VAL A 68 -10.72 -14.97 20.99
N ASP A 69 -10.29 -16.22 21.01
CA ASP A 69 -9.28 -16.68 20.06
C ASP A 69 -9.81 -16.60 18.63
N LEU A 70 -11.07 -16.99 18.42
CA LEU A 70 -11.68 -16.85 17.11
C LEU A 70 -11.75 -15.39 16.70
N GLU A 71 -12.10 -14.50 17.63
CA GLU A 71 -12.13 -13.07 17.34
C GLU A 71 -10.76 -12.58 16.88
N ARG A 72 -9.72 -12.94 17.63
CA ARG A 72 -8.37 -12.47 17.30
C ARG A 72 -7.93 -13.01 15.94
N GLU A 73 -8.23 -14.29 15.66
CA GLU A 73 -7.81 -14.86 14.38
C GLU A 73 -8.58 -14.25 13.21
N ILE A 74 -9.88 -14.00 13.39
CA ILE A 74 -10.66 -13.40 12.32
C ILE A 74 -10.15 -11.99 12.03
N ASN A 75 -9.84 -11.21 13.07
CA ASN A 75 -9.25 -9.90 12.84
C ASN A 75 -7.88 -10.00 12.18
N ARG A 76 -7.09 -11.02 12.55
CA ARG A 76 -5.79 -11.21 11.92
C ARG A 76 -5.94 -11.45 10.42
N VAL A 77 -6.92 -12.26 10.03
CA VAL A 77 -7.14 -12.54 8.61
C VAL A 77 -7.70 -11.32 7.90
N LEU A 78 -8.65 -10.61 8.53
CA LEU A 78 -9.32 -9.50 7.88
C LEU A 78 -8.45 -8.25 7.78
N SER A 79 -7.47 -8.07 8.67
CA SER A 79 -6.62 -6.89 8.60
C SER A 79 -5.80 -6.87 7.33
N LEU A 80 -5.56 -8.04 6.73
CA LEU A 80 -4.79 -8.09 5.49
C LEU A 80 -5.60 -7.58 4.30
N PHE A 81 -6.91 -7.81 4.31
CA PHE A 81 -7.79 -7.34 3.23
C PHE A 81 -8.26 -5.91 3.43
N HIS A 82 -8.02 -5.30 4.59
CA HIS A 82 -8.59 -4.01 4.96
C HIS A 82 -10.12 -4.07 5.03
N TRP A 83 -10.65 -5.23 5.42
CA TRP A 83 -12.09 -5.41 5.53
C TRP A 83 -12.57 -5.21 6.98
N GLY A 84 -12.38 -3.99 7.48
CA GLY A 84 -13.00 -3.59 8.74
C GLY A 84 -12.52 -4.39 9.95
N CYS A 85 -13.42 -4.48 10.93
CA CYS A 85 -13.16 -5.18 12.18
C CYS A 85 -14.40 -5.97 12.58
N VAL A 86 -14.20 -6.97 13.44
CA VAL A 86 -15.27 -7.86 13.85
C VAL A 86 -15.29 -7.94 15.38
N ASP A 87 -16.50 -8.05 15.92
CA ASP A 87 -16.71 -8.21 17.35
C ASP A 87 -17.64 -9.40 17.58
N LEU A 88 -17.30 -10.22 18.57
CA LEU A 88 -18.09 -11.37 18.96
C LEU A 88 -18.85 -11.07 20.23
N ARG A 89 -20.14 -11.40 20.26
CA ARG A 89 -20.91 -11.31 21.49
C ARG A 89 -21.68 -12.62 21.69
N PRO A 90 -21.30 -13.44 22.67
CA PRO A 90 -22.01 -14.70 22.91
C PRO A 90 -23.18 -14.52 23.86
N TYR A 91 -24.12 -15.46 23.78
CA TYR A 91 -25.31 -15.46 24.62
C TYR A 91 -25.64 -16.91 24.99
N GLU A 92 -26.80 -17.09 25.64
CA GLU A 92 -27.17 -18.42 26.10
C GLU A 92 -27.35 -19.40 24.95
N ASN A 93 -27.95 -18.95 23.84
CA ASN A 93 -28.05 -19.82 22.66
C ASN A 93 -27.81 -19.07 21.37
N ARG A 94 -27.32 -17.83 21.42
CA ARG A 94 -27.12 -17.02 20.23
C ARG A 94 -25.68 -16.51 20.19
N LEU A 95 -25.24 -16.14 18.99
CA LEU A 95 -23.94 -15.51 18.77
C LEU A 95 -24.14 -14.33 17.83
N GLU A 96 -23.71 -13.14 18.25
CA GLU A 96 -23.87 -11.94 17.46
C GLU A 96 -22.52 -11.50 16.90
N ILE A 97 -22.50 -11.23 15.61
CA ILE A 97 -21.32 -10.82 14.86
C ILE A 97 -21.51 -9.36 14.51
N TYR A 98 -20.72 -8.49 15.11
CA TYR A 98 -20.75 -7.07 14.76
C TYR A 98 -19.63 -6.80 13.76
N HIS A 99 -19.98 -6.32 12.58
CA HIS A 99 -18.99 -5.96 11.57
C HIS A 99 -18.93 -4.44 11.49
N LEU A 100 -17.75 -3.88 11.69
CA LEU A 100 -17.55 -2.45 11.80
C LEU A 100 -16.56 -1.96 10.76
N ALA A 101 -16.75 -0.72 10.33
CA ALA A 101 -15.88 -0.06 9.35
C ALA A 101 -15.85 -0.84 8.04
N LEU A 102 -17.03 -1.03 7.47
CA LEU A 102 -17.15 -1.69 6.18
C LEU A 102 -16.51 -0.82 5.09
N PRO A 103 -15.91 -1.43 4.07
CA PRO A 103 -15.42 -0.64 2.94
C PRO A 103 -16.53 0.23 2.36
N ALA A 104 -16.23 1.51 2.21
CA ALA A 104 -17.25 2.46 1.81
C ALA A 104 -17.66 2.24 0.36
N SER A 105 -18.84 2.77 0.02
CA SER A 105 -19.33 2.70 -1.35
C SER A 105 -18.47 3.57 -2.27
N VAL A 106 -18.42 3.20 -3.54
CA VAL A 106 -17.59 3.87 -4.53
C VAL A 106 -18.40 4.77 -5.45
N ASN A 107 -19.70 4.53 -5.58
CA ASN A 107 -20.56 5.34 -6.44
C ASN A 107 -21.74 5.84 -5.64
N SER A 108 -22.08 7.12 -5.83
CA SER A 108 -23.20 7.70 -5.10
C SER A 108 -24.54 7.13 -5.54
N SER A 109 -24.63 6.58 -6.73
CA SER A 109 -25.87 6.02 -7.25
C SER A 109 -25.99 4.52 -7.05
N GLY A 110 -24.97 3.88 -6.48
CA GLY A 110 -25.01 2.44 -6.28
C GLY A 110 -24.57 2.00 -4.90
N SER A 111 -24.81 2.86 -3.89
CA SER A 111 -24.37 2.53 -2.54
C SER A 111 -25.10 1.31 -2.01
N VAL A 112 -26.41 1.23 -2.24
CA VAL A 112 -27.18 0.10 -1.71
C VAL A 112 -26.80 -1.20 -2.41
N ARG A 113 -26.55 -1.15 -3.72
CA ARG A 113 -26.12 -2.35 -4.44
C ARG A 113 -24.79 -2.85 -3.89
N TRP A 114 -23.83 -1.95 -3.70
CA TRP A 114 -22.54 -2.33 -3.16
C TRP A 114 -22.68 -2.90 -1.75
N ARG A 115 -23.51 -2.26 -0.92
CA ARG A 115 -23.70 -2.76 0.44
C ARG A 115 -24.29 -4.16 0.43
N MET A 116 -25.28 -4.39 -0.43
CA MET A 116 -25.89 -5.72 -0.50
C MET A 116 -24.89 -6.76 -0.97
N ALA A 117 -24.10 -6.43 -2.00
CA ALA A 117 -23.12 -7.38 -2.51
C ALA A 117 -22.07 -7.71 -1.46
N MET A 118 -21.54 -6.70 -0.78
CA MET A 118 -20.52 -6.93 0.23
C MET A 118 -21.09 -7.73 1.39
N ALA A 119 -22.33 -7.43 1.78
CA ALA A 119 -22.99 -8.19 2.83
C ALA A 119 -23.13 -9.66 2.44
N ALA A 120 -23.51 -9.92 1.19
CA ALA A 120 -23.65 -11.31 0.75
C ALA A 120 -22.31 -12.04 0.80
N VAL A 121 -21.26 -11.40 0.28
CA VAL A 121 -19.94 -12.05 0.28
C VAL A 121 -19.49 -12.34 1.69
N LEU A 122 -19.63 -11.36 2.59
CA LEU A 122 -19.24 -11.57 3.98
C LEU A 122 -20.09 -12.62 4.67
N GLN A 123 -21.39 -12.69 4.32
CA GLN A 123 -22.25 -13.71 4.90
C GLN A 123 -21.77 -15.10 4.52
N GLY A 124 -21.43 -15.30 3.24
CA GLY A 124 -20.88 -16.59 2.84
C GLY A 124 -19.56 -16.90 3.53
N LEU A 125 -18.68 -15.90 3.63
CA LEU A 125 -17.40 -16.09 4.28
C LEU A 125 -17.57 -16.54 5.73
N TYR A 126 -18.36 -15.79 6.49
CA TYR A 126 -18.60 -16.13 7.89
C TYR A 126 -19.31 -17.47 8.03
N SER A 127 -20.26 -17.77 7.13
CA SER A 127 -20.97 -19.04 7.20
C SER A 127 -19.99 -20.20 7.10
N ARG A 128 -19.13 -20.19 6.07
CA ARG A 128 -18.18 -21.28 5.93
C ARG A 128 -17.20 -21.34 7.10
N TRP A 129 -16.69 -20.17 7.53
CA TRP A 129 -15.69 -20.15 8.60
C TRP A 129 -16.27 -20.73 9.89
N LEU A 130 -17.49 -20.30 10.25
CA LEU A 130 -18.11 -20.81 11.47
C LEU A 130 -18.51 -22.27 11.33
N ARG A 131 -18.93 -22.69 10.14
CA ARG A 131 -19.32 -24.09 9.96
C ARG A 131 -18.12 -25.02 10.16
N GLU A 132 -16.96 -24.64 9.62
CA GLU A 132 -15.81 -25.54 9.69
C GLU A 132 -15.29 -25.68 11.12
N GLN A 133 -15.31 -24.62 11.90
CA GLN A 133 -14.62 -24.61 13.19
C GLN A 133 -15.31 -25.45 14.27
N GLY A 134 -16.51 -25.94 14.02
CA GLY A 134 -17.18 -26.77 15.00
C GLY A 134 -18.59 -26.36 15.32
N GLY A 135 -19.17 -25.48 14.50
CA GLY A 135 -20.54 -25.05 14.70
C GLY A 135 -21.54 -26.09 14.24
N VAL A 136 -22.79 -25.67 14.01
CA VAL A 136 -23.84 -26.56 13.53
C VAL A 136 -24.07 -26.27 12.06
N GLU A 137 -24.16 -27.33 11.25
CA GLU A 137 -24.25 -27.19 9.81
C GLU A 137 -25.66 -26.94 9.30
N SER A 138 -26.66 -27.01 10.18
CA SER A 138 -28.06 -26.83 9.78
C SER A 138 -28.58 -25.43 10.05
N VAL A 139 -27.73 -24.52 10.51
CA VAL A 139 -28.16 -23.16 10.84
C VAL A 139 -27.36 -22.15 10.02
N PRO A 140 -28.02 -21.28 9.25
CA PRO A 140 -27.29 -20.25 8.52
C PRO A 140 -27.09 -18.99 9.34
N LEU A 141 -26.42 -18.00 8.78
CA LEU A 141 -26.19 -16.71 9.44
C LEU A 141 -27.21 -15.71 8.93
N SER A 142 -27.99 -15.14 9.85
CA SER A 142 -28.98 -14.15 9.47
C SER A 142 -28.36 -12.75 9.45
N CYS A 143 -28.65 -12.01 8.39
CA CYS A 143 -28.13 -10.65 8.22
C CYS A 143 -29.12 -9.64 8.79
N GLU A 144 -28.57 -8.49 9.21
CA GLU A 144 -29.42 -7.42 9.73
C GLU A 144 -28.68 -6.09 9.61
N GLU A 145 -29.43 -5.06 9.24
CA GLU A 145 -28.90 -3.71 9.15
C GLU A 145 -29.03 -2.99 10.49
N THR A 146 -28.14 -2.04 10.71
CA THR A 146 -28.13 -1.20 11.90
C THR A 146 -28.15 0.26 11.44
N ASP A 147 -28.47 1.16 12.38
CA ASP A 147 -28.66 2.57 12.05
C ASP A 147 -27.45 3.13 11.27
N SER A 148 -26.25 2.87 11.77
CA SER A 148 -25.06 3.31 11.07
C SER A 148 -24.91 2.59 9.73
N GLU A 149 -24.48 3.32 8.71
CA GLU A 149 -24.29 2.76 7.39
C GLU A 149 -23.09 1.83 7.29
N SER A 150 -22.09 2.02 8.14
CA SER A 150 -20.84 1.29 8.05
C SER A 150 -20.78 0.04 8.92
N THR A 151 -21.90 -0.37 9.51
CA THR A 151 -21.92 -1.52 10.42
C THR A 151 -22.99 -2.51 10.00
N LEU A 152 -22.74 -3.79 10.25
CA LEU A 152 -23.67 -4.86 9.97
C LEU A 152 -23.78 -5.78 11.19
N LEU A 153 -24.95 -6.38 11.36
CA LEU A 153 -25.19 -7.33 12.45
C LEU A 153 -25.48 -8.70 11.85
N PHE A 154 -24.87 -9.73 12.41
CA PHE A 154 -25.12 -11.10 11.98
C PHE A 154 -25.54 -11.92 13.18
N ARG A 155 -26.53 -12.80 12.98
CA ARG A 155 -27.09 -13.60 14.06
C ARG A 155 -26.86 -15.08 13.75
N TYR A 156 -26.34 -15.80 14.73
CA TYR A 156 -26.10 -17.24 14.64
C TYR A 156 -26.89 -17.91 15.76
N GLN A 157 -27.93 -18.64 15.39
CA GLN A 157 -28.83 -19.26 16.36
C GLN A 157 -28.59 -20.76 16.45
N MET B 4 21.67 -13.22 -18.27
CA MET B 4 20.81 -13.84 -17.26
C MET B 4 21.64 -14.52 -16.17
N SER B 5 21.01 -14.77 -15.03
CA SER B 5 21.65 -15.44 -13.91
C SER B 5 20.57 -15.80 -12.91
N ASP B 6 20.98 -16.51 -11.85
CA ASP B 6 20.04 -16.86 -10.79
C ASP B 6 19.57 -15.61 -10.04
N LEU B 7 20.46 -14.65 -9.84
CA LEU B 7 20.09 -13.44 -9.12
C LEU B 7 19.00 -12.67 -9.85
N GLN B 8 19.09 -12.58 -11.18
CA GLN B 8 18.05 -11.92 -11.95
C GLN B 8 16.71 -12.62 -11.74
N GLN B 9 16.72 -13.96 -11.76
CA GLN B 9 15.47 -14.70 -11.55
C GLN B 9 14.90 -14.43 -10.16
N HIS B 10 15.74 -14.45 -9.13
CA HIS B 10 15.25 -14.17 -7.78
C HIS B 10 14.65 -12.78 -7.69
N ALA B 11 15.35 -11.78 -8.22
CA ALA B 11 14.86 -10.41 -8.13
C ALA B 11 13.53 -10.26 -8.87
N LEU B 12 13.45 -10.77 -10.09
CA LEU B 12 12.23 -10.61 -10.88
C LEU B 12 11.07 -11.36 -10.25
N ASN B 13 11.34 -12.57 -9.73
CA ASN B 13 10.27 -13.34 -9.09
C ASN B 13 9.75 -12.63 -7.84
N TYR B 14 10.65 -12.08 -7.03
CA TYR B 14 10.22 -11.35 -5.84
C TYR B 14 9.39 -10.14 -6.22
N TYR B 15 9.84 -9.40 -7.23
CA TYR B 15 9.09 -8.22 -7.67
C TYR B 15 7.69 -8.61 -8.16
N ARG B 16 7.60 -9.67 -8.96
CA ARG B 16 6.30 -10.12 -9.45
C ARG B 16 5.41 -10.60 -8.31
N GLN B 17 6.00 -11.24 -7.30
CA GLN B 17 5.21 -11.69 -6.16
C GLN B 17 4.60 -10.49 -5.42
N GLN B 18 5.38 -9.42 -5.26
CA GLN B 18 4.86 -8.23 -4.58
C GLN B 18 3.92 -7.40 -5.45
N GLN B 19 3.46 -7.92 -6.59
CA GLN B 19 2.65 -7.11 -7.48
C GLN B 19 1.16 -7.13 -7.11
N LEU B 20 0.65 -8.27 -6.64
CA LEU B 20 -0.79 -8.26 -6.48
C LEU B 20 -1.18 -8.16 -5.01
N PRO B 21 -2.11 -7.28 -4.67
CA PRO B 21 -2.58 -7.19 -3.28
C PRO B 21 -3.55 -8.29 -2.95
N SER B 22 -3.46 -8.78 -1.71
CA SER B 22 -4.32 -9.87 -1.27
C SER B 22 -5.76 -9.39 -1.09
N GLY B 23 -6.69 -10.33 -1.14
CA GLY B 23 -8.10 -10.04 -0.93
C GLY B 23 -8.87 -9.73 -2.19
N TRP B 24 -8.63 -8.56 -2.78
CA TRP B 24 -9.39 -8.16 -3.96
C TRP B 24 -9.02 -9.01 -5.17
N ALA B 25 -7.72 -9.24 -5.39
CA ALA B 25 -7.29 -10.00 -6.56
C ALA B 25 -7.79 -11.44 -6.49
N ASP B 26 -7.71 -12.07 -5.32
CA ASP B 26 -8.22 -13.43 -5.18
C ASP B 26 -9.73 -13.47 -5.42
N LEU B 27 -10.43 -12.42 -4.97
CA LEU B 27 -11.87 -12.36 -5.20
C LEU B 27 -12.18 -12.29 -6.70
N PHE B 28 -11.41 -11.48 -7.44
CA PHE B 28 -11.60 -11.42 -8.89
C PHE B 28 -11.30 -12.78 -9.53
N GLY B 29 -10.24 -13.45 -9.07
CA GLY B 29 -9.92 -14.75 -9.61
C GLY B 29 -11.04 -15.76 -9.42
N VAL B 30 -11.60 -15.81 -8.21
CA VAL B 30 -12.70 -16.72 -7.94
C VAL B 30 -13.92 -16.35 -8.77
N ILE B 31 -14.20 -15.06 -8.92
CA ILE B 31 -15.36 -14.63 -9.69
C ILE B 31 -15.22 -15.09 -11.15
N VAL B 32 -14.05 -14.86 -11.74
CA VAL B 32 -13.90 -15.23 -13.15
C VAL B 32 -13.88 -16.74 -13.32
N ASN B 33 -13.28 -17.47 -12.38
CA ASN B 33 -13.29 -18.93 -12.45
C ASN B 33 -14.71 -19.45 -12.42
N GLY B 34 -15.52 -18.97 -11.47
CA GLY B 34 -16.89 -19.42 -11.39
C GLY B 34 -17.72 -19.05 -12.60
N MET B 35 -17.56 -17.83 -13.10
CA MET B 35 -18.35 -17.42 -14.25
C MET B 35 -17.98 -18.21 -15.50
N MET B 36 -16.69 -18.46 -15.70
CA MET B 36 -16.27 -19.26 -16.87
C MET B 36 -16.72 -20.70 -16.73
N ASP B 37 -16.73 -21.24 -15.50
CA ASP B 37 -17.24 -22.59 -15.30
C ASP B 37 -18.73 -22.65 -15.56
N ASN B 38 -19.46 -21.59 -15.25
CA ASN B 38 -20.91 -21.59 -15.40
C ASN B 38 -21.36 -21.36 -16.84
N ALA B 39 -20.98 -20.22 -17.43
CA ALA B 39 -21.62 -19.77 -18.66
C ALA B 39 -20.87 -20.13 -19.93
N GLY B 40 -19.64 -20.65 -19.83
CA GLY B 40 -18.88 -21.01 -21.00
C GLY B 40 -17.75 -20.04 -21.30
N GLU B 41 -17.11 -20.26 -22.44
CA GLU B 41 -15.92 -19.50 -22.82
C GLU B 41 -16.24 -18.25 -23.64
N ARG B 42 -16.95 -18.40 -24.75
CA ARG B 42 -17.22 -17.26 -25.63
C ARG B 42 -18.05 -16.20 -24.91
N GLU B 43 -19.09 -16.63 -24.19
CA GLU B 43 -19.92 -15.68 -23.45
C GLU B 43 -19.12 -14.99 -22.35
N GLY B 44 -18.26 -15.74 -21.66
CA GLY B 44 -17.42 -15.13 -20.64
C GLY B 44 -16.50 -14.08 -21.22
N LEU B 45 -15.87 -14.38 -22.37
CA LEU B 45 -15.00 -13.40 -23.00
C LEU B 45 -15.77 -12.16 -23.43
N ALA B 46 -16.94 -12.34 -24.02
CA ALA B 46 -17.73 -11.18 -24.42
C ALA B 46 -18.13 -10.33 -23.22
N PHE B 47 -18.57 -11.00 -22.14
CA PHE B 47 -18.95 -10.27 -20.94
C PHE B 47 -17.77 -9.51 -20.35
N LEU B 48 -16.60 -10.14 -20.31
CA LEU B 48 -15.43 -9.47 -19.75
C LEU B 48 -14.99 -8.29 -20.62
N ARG B 49 -15.11 -8.41 -21.94
CA ARG B 49 -14.83 -7.27 -22.80
C ARG B 49 -15.79 -6.13 -22.55
N HIS B 50 -17.08 -6.44 -22.35
CA HIS B 50 -18.04 -5.40 -22.03
C HIS B 50 -17.72 -4.74 -20.70
N ILE B 51 -17.31 -5.53 -19.71
CA ILE B 51 -16.91 -4.97 -18.41
C ILE B 51 -15.70 -4.07 -18.57
N GLY B 52 -14.74 -4.48 -19.39
CA GLY B 52 -13.59 -3.63 -19.64
C GLY B 52 -13.96 -2.32 -20.27
N GLY B 53 -14.87 -2.34 -21.24
CA GLY B 53 -15.35 -1.10 -21.82
C GLY B 53 -16.03 -0.20 -20.80
N GLN B 54 -16.88 -0.80 -19.95
CA GLN B 54 -17.56 -0.02 -18.93
C GLN B 54 -16.58 0.61 -17.95
N LEU B 55 -15.56 -0.15 -17.55
CA LEU B 55 -14.53 0.39 -16.66
C LEU B 55 -13.75 1.52 -17.34
N ALA B 56 -13.48 1.36 -18.64
CA ALA B 56 -12.80 2.40 -19.38
C ALA B 56 -13.61 3.69 -19.42
N GLU B 57 -14.94 3.56 -19.52
CA GLU B 57 -15.80 4.73 -19.54
C GLU B 57 -15.64 5.60 -18.29
N ARG B 58 -15.29 5.01 -17.15
CA ARG B 58 -15.20 5.78 -15.91
C ARG B 58 -14.00 6.72 -15.90
N TYR B 59 -12.87 6.30 -16.45
CA TYR B 59 -11.65 7.10 -16.42
C TYR B 59 -11.45 7.79 -17.77
N PRO B 60 -11.64 9.10 -17.86
CA PRO B 60 -11.42 9.79 -19.13
C PRO B 60 -9.99 10.27 -19.31
N LEU B 61 -9.35 9.88 -20.40
CA LEU B 61 -8.03 10.41 -20.71
C LEU B 61 -8.15 11.83 -21.28
N PRO B 62 -7.26 12.74 -20.87
CA PRO B 62 -7.26 14.09 -21.46
C PRO B 62 -6.91 14.03 -22.95
N ALA B 63 -7.44 15.00 -23.69
CA ALA B 63 -7.24 15.03 -25.13
C ALA B 63 -5.79 15.36 -25.44
N ALA B 64 -5.06 14.39 -25.99
CA ALA B 64 -3.66 14.57 -26.35
C ALA B 64 -3.54 14.81 -27.85
N VAL B 65 -2.30 15.08 -28.28
CA VAL B 65 -2.04 15.41 -29.67
C VAL B 65 -1.01 14.48 -30.33
N THR B 66 -0.09 13.90 -29.57
CA THR B 66 0.95 13.03 -30.12
C THR B 66 0.92 11.68 -29.41
N VAL B 67 1.61 10.70 -30.02
CA VAL B 67 1.59 9.35 -29.50
C VAL B 67 2.35 9.25 -28.17
N VAL B 68 3.47 9.97 -28.04
CA VAL B 68 4.21 9.93 -26.79
C VAL B 68 3.39 10.51 -25.66
N ASP B 69 2.53 11.49 -25.96
CA ASP B 69 1.56 11.93 -24.97
C ASP B 69 0.65 10.78 -24.56
N LEU B 70 0.22 9.98 -25.53
CA LEU B 70 -0.65 8.84 -25.21
C LEU B 70 0.05 7.83 -24.31
N GLU B 71 1.30 7.49 -24.62
CA GLU B 71 2.02 6.52 -23.78
C GLU B 71 2.21 7.08 -22.37
N ARG B 72 2.56 8.36 -22.25
CA ARG B 72 2.77 8.93 -20.93
C ARG B 72 1.47 8.93 -20.13
N GLU B 73 0.35 9.28 -20.76
CA GLU B 73 -0.92 9.32 -20.04
C GLU B 73 -1.41 7.92 -19.67
N ILE B 74 -1.26 6.96 -20.58
CA ILE B 74 -1.66 5.59 -20.27
C ILE B 74 -0.82 5.03 -19.14
N ASN B 75 0.49 5.30 -19.15
CA ASN B 75 1.34 4.87 -18.05
C ASN B 75 0.93 5.55 -16.75
N ARG B 76 0.58 6.83 -16.81
CA ARG B 76 0.13 7.53 -15.61
C ARG B 76 -1.13 6.88 -15.03
N VAL B 77 -2.07 6.51 -15.89
CA VAL B 77 -3.30 5.89 -15.41
C VAL B 77 -3.03 4.49 -14.87
N LEU B 78 -2.20 3.71 -15.58
CA LEU B 78 -1.94 2.33 -15.21
C LEU B 78 -1.04 2.20 -13.98
N SER B 79 -0.22 3.20 -13.68
CA SER B 79 0.66 3.11 -12.52
C SER B 79 -0.15 3.08 -11.23
N LEU B 80 -1.37 3.61 -11.25
CA LEU B 80 -2.20 3.62 -10.05
C LEU B 80 -2.76 2.23 -9.75
N PHE B 81 -3.06 1.45 -10.78
CA PHE B 81 -3.59 0.10 -10.59
C PHE B 81 -2.51 -0.95 -10.39
N HIS B 82 -1.24 -0.59 -10.59
CA HIS B 82 -0.13 -1.55 -10.62
C HIS B 82 -0.29 -2.55 -11.76
N TRP B 83 -0.87 -2.09 -12.87
CA TRP B 83 -1.06 -2.95 -14.04
C TRP B 83 0.06 -2.73 -15.06
N GLY B 84 1.28 -3.06 -14.66
CA GLY B 84 2.40 -3.14 -15.58
C GLY B 84 2.75 -1.83 -16.28
N CYS B 85 3.29 -1.98 -17.49
CA CYS B 85 3.70 -0.85 -18.31
C CYS B 85 3.31 -1.09 -19.75
N VAL B 86 3.24 -0.01 -20.53
CA VAL B 86 2.80 -0.06 -21.91
C VAL B 86 3.82 0.66 -22.79
N ASP B 87 4.01 0.12 -23.99
CA ASP B 87 4.88 0.71 -24.99
C ASP B 87 4.12 0.85 -26.31
N LEU B 88 4.27 2.01 -26.94
CA LEU B 88 3.62 2.31 -28.21
C LEU B 88 4.66 2.25 -29.32
N ARG B 89 4.31 1.59 -30.43
CA ARG B 89 5.17 1.58 -31.61
C ARG B 89 4.33 1.88 -32.84
N PRO B 90 4.52 3.03 -33.49
CA PRO B 90 3.77 3.33 -34.71
C PRO B 90 4.44 2.79 -35.96
N TYR B 91 3.61 2.51 -36.96
CA TYR B 91 4.08 2.04 -38.25
C TYR B 91 3.38 2.83 -39.35
N GLU B 92 3.57 2.40 -40.60
CA GLU B 92 2.96 3.09 -41.72
C GLU B 92 1.44 3.06 -41.65
N ASN B 93 0.86 1.93 -41.28
CA ASN B 93 -0.59 1.84 -41.14
C ASN B 93 -1.02 1.02 -39.93
N ARG B 94 -0.12 0.73 -38.99
CA ARG B 94 -0.44 -0.09 -37.83
C ARG B 94 0.01 0.62 -36.56
N LEU B 95 -0.61 0.23 -35.45
CA LEU B 95 -0.20 0.66 -34.12
C LEU B 95 0.04 -0.60 -33.29
N GLU B 96 1.23 -0.73 -32.74
CA GLU B 96 1.64 -1.94 -32.04
C GLU B 96 1.78 -1.63 -30.55
N ILE B 97 1.09 -2.42 -29.72
CA ILE B 97 0.96 -2.15 -28.29
C ILE B 97 1.69 -3.27 -27.57
N TYR B 98 2.73 -2.93 -26.83
CA TYR B 98 3.44 -3.90 -26.01
C TYR B 98 3.00 -3.73 -24.56
N HIS B 99 2.52 -4.79 -23.94
CA HIS B 99 2.17 -4.75 -22.53
C HIS B 99 3.17 -5.60 -21.75
N LEU B 100 3.83 -4.98 -20.77
CA LEU B 100 4.91 -5.61 -20.03
C LEU B 100 4.58 -5.64 -18.54
N ALA B 101 5.11 -6.64 -17.86
CA ALA B 101 4.97 -6.81 -16.41
C ALA B 101 3.50 -6.95 -16.02
N LEU B 102 2.84 -7.93 -16.65
CA LEU B 102 1.47 -8.22 -16.32
C LEU B 102 1.37 -8.76 -14.89
N PRO B 103 0.28 -8.47 -14.17
CA PRO B 103 0.09 -9.08 -12.85
C PRO B 103 0.17 -10.58 -12.94
N ALA B 104 0.97 -11.18 -12.05
CA ALA B 104 1.25 -12.60 -12.14
C ALA B 104 0.01 -13.41 -11.77
N SER B 105 0.02 -14.68 -12.20
CA SER B 105 -1.04 -15.59 -11.84
C SER B 105 -1.00 -15.90 -10.34
N VAL B 106 -2.17 -16.23 -9.80
CA VAL B 106 -2.32 -16.48 -8.37
C VAL B 106 -2.44 -17.96 -8.03
N ASN B 107 -2.84 -18.79 -9.00
CA ASN B 107 -2.98 -20.23 -8.77
C ASN B 107 -2.22 -20.98 -9.84
N SER B 108 -1.46 -21.99 -9.42
CA SER B 108 -0.66 -22.77 -10.34
C SER B 108 -1.51 -23.60 -11.31
N SER B 109 -2.73 -23.95 -10.93
CA SER B 109 -3.60 -24.76 -11.77
C SER B 109 -4.54 -23.94 -12.64
N GLY B 110 -4.55 -22.62 -12.48
CA GLY B 110 -5.42 -21.78 -13.28
C GLY B 110 -4.72 -20.59 -13.90
N SER B 111 -3.44 -20.76 -14.23
CA SER B 111 -2.67 -19.63 -14.78
C SER B 111 -3.22 -19.19 -16.12
N VAL B 112 -3.53 -20.13 -17.00
CA VAL B 112 -4.00 -19.78 -18.34
C VAL B 112 -5.37 -19.11 -18.30
N ARG B 113 -6.26 -19.56 -17.40
CA ARG B 113 -7.56 -18.91 -17.24
C ARG B 113 -7.38 -17.46 -16.80
N TRP B 114 -6.52 -17.24 -15.82
CA TRP B 114 -6.27 -15.88 -15.35
C TRP B 114 -5.69 -15.01 -16.45
N ARG B 115 -4.72 -15.55 -17.21
CA ARG B 115 -4.12 -14.76 -18.27
C ARG B 115 -5.14 -14.40 -19.33
N MET B 116 -6.00 -15.35 -19.70
CA MET B 116 -7.04 -15.07 -20.69
C MET B 116 -8.00 -14.00 -20.20
N ALA B 117 -8.42 -14.10 -18.94
CA ALA B 117 -9.34 -13.10 -18.39
C ALA B 117 -8.71 -11.72 -18.36
N MET B 118 -7.45 -11.63 -17.90
CA MET B 118 -6.78 -10.34 -17.83
C MET B 118 -6.58 -9.76 -19.22
N ALA B 119 -6.23 -10.62 -20.18
CA ALA B 119 -6.08 -10.17 -21.56
C ALA B 119 -7.39 -9.63 -22.11
N ALA B 120 -8.51 -10.29 -21.82
CA ALA B 120 -9.79 -9.81 -22.31
C ALA B 120 -10.13 -8.45 -21.70
N VAL B 121 -9.93 -8.31 -20.39
CA VAL B 121 -10.25 -7.04 -19.74
C VAL B 121 -9.39 -5.91 -20.31
N LEU B 122 -8.10 -6.16 -20.47
CA LEU B 122 -7.21 -5.15 -21.02
C LEU B 122 -7.55 -4.84 -22.48
N GLN B 123 -7.97 -5.84 -23.24
CA GLN B 123 -8.37 -5.61 -24.62
C GLN B 123 -9.55 -4.67 -24.69
N GLY B 124 -10.56 -4.90 -23.84
CA GLY B 124 -11.69 -3.99 -23.80
C GLY B 124 -11.28 -2.58 -23.39
N LEU B 125 -10.42 -2.49 -22.37
CA LEU B 125 -9.96 -1.19 -21.89
C LEU B 125 -9.27 -0.41 -23.00
N TYR B 126 -8.29 -1.04 -23.66
CA TYR B 126 -7.56 -0.38 -24.74
C TYR B 126 -8.48 -0.06 -25.91
N SER B 127 -9.43 -0.95 -26.23
CA SER B 127 -10.34 -0.69 -27.33
C SER B 127 -11.12 0.59 -27.09
N ARG B 128 -11.74 0.72 -25.92
CA ARG B 128 -12.50 1.93 -25.64
C ARG B 128 -11.60 3.16 -25.61
N TRP B 129 -10.43 3.06 -24.98
CA TRP B 129 -9.55 4.21 -24.84
C TRP B 129 -9.10 4.71 -26.21
N LEU B 130 -8.69 3.79 -27.09
CA LEU B 130 -8.25 4.19 -28.43
C LEU B 130 -9.41 4.68 -29.28
N ARG B 131 -10.60 4.09 -29.11
CA ARG B 131 -11.75 4.52 -29.90
C ARG B 131 -12.13 5.95 -29.57
N GLU B 132 -12.11 6.31 -28.28
CA GLU B 132 -12.58 7.64 -27.90
C GLU B 132 -11.61 8.73 -28.36
N GLN B 133 -10.31 8.47 -28.35
CA GLN B 133 -9.33 9.53 -28.54
C GLN B 133 -9.23 10.01 -29.98
N GLY B 134 -9.88 9.34 -30.94
CA GLY B 134 -9.85 9.80 -32.31
C GLY B 134 -9.48 8.74 -33.32
N GLY B 135 -9.50 7.48 -32.90
CA GLY B 135 -9.21 6.38 -33.81
C GLY B 135 -10.38 6.06 -34.72
N VAL B 136 -10.38 4.87 -35.30
CA VAL B 136 -11.46 4.42 -36.18
C VAL B 136 -12.32 3.42 -35.41
N GLU B 137 -13.64 3.61 -35.49
CA GLU B 137 -14.57 2.81 -34.70
C GLU B 137 -14.89 1.45 -35.32
N SER B 138 -14.43 1.19 -36.55
CA SER B 138 -14.74 -0.05 -37.24
C SER B 138 -13.61 -1.08 -37.14
N VAL B 139 -12.57 -0.80 -36.37
CA VAL B 139 -11.43 -1.71 -36.26
C VAL B 139 -11.21 -2.08 -34.80
N PRO B 140 -11.21 -3.37 -34.46
CA PRO B 140 -10.92 -3.78 -33.08
C PRO B 140 -9.43 -3.97 -32.83
N LEU B 141 -9.08 -4.33 -31.60
CA LEU B 141 -7.69 -4.59 -31.23
C LEU B 141 -7.44 -6.10 -31.24
N SER B 142 -6.47 -6.54 -32.02
CA SER B 142 -6.15 -7.96 -32.09
C SER B 142 -5.12 -8.32 -31.03
N CYS B 143 -5.39 -9.40 -30.30
CA CYS B 143 -4.51 -9.90 -29.26
C CYS B 143 -3.51 -10.90 -29.82
N GLU B 144 -2.35 -11.01 -29.17
CA GLU B 144 -1.32 -11.93 -29.62
C GLU B 144 -0.40 -12.31 -28.48
N GLU B 145 -0.04 -13.60 -28.45
CA GLU B 145 0.94 -14.12 -27.50
C GLU B 145 2.36 -13.83 -27.95
N THR B 146 3.23 -13.63 -26.98
CA THR B 146 4.67 -13.49 -27.19
C THR B 146 5.37 -14.54 -26.32
N ASP B 147 6.63 -14.82 -26.66
CA ASP B 147 7.37 -15.89 -25.99
C ASP B 147 7.34 -15.74 -24.48
N SER B 148 7.64 -14.55 -23.98
CA SER B 148 7.60 -14.32 -22.53
C SER B 148 6.16 -14.38 -22.02
N GLU B 149 6.00 -14.94 -20.82
CA GLU B 149 4.69 -15.04 -20.19
C GLU B 149 4.14 -13.69 -19.75
N SER B 150 4.99 -12.78 -19.28
CA SER B 150 4.55 -11.54 -18.68
C SER B 150 4.35 -10.42 -19.69
N THR B 151 4.30 -10.74 -20.99
CA THR B 151 4.12 -9.73 -22.02
C THR B 151 3.01 -10.14 -22.96
N LEU B 152 2.29 -9.14 -23.48
CA LEU B 152 1.22 -9.33 -24.45
C LEU B 152 1.40 -8.37 -25.61
N LEU B 153 0.96 -8.80 -26.81
CA LEU B 153 1.06 -7.98 -28.00
C LEU B 153 -0.33 -7.61 -28.48
N PHE B 154 -0.52 -6.36 -28.89
CA PHE B 154 -1.78 -5.90 -29.42
C PHE B 154 -1.55 -5.20 -30.75
N ARG B 155 -2.44 -5.44 -31.71
CA ARG B 155 -2.33 -4.85 -33.04
C ARG B 155 -3.57 -4.01 -33.32
N TYR B 156 -3.36 -2.79 -33.80
CA TYR B 156 -4.41 -1.87 -34.22
C TYR B 156 -4.19 -1.55 -35.69
N GLN B 157 -5.04 -2.12 -36.56
CA GLN B 157 -4.89 -1.94 -37.99
C GLN B 157 -5.87 -0.90 -38.53
N MET C 4 -20.82 9.11 21.80
CA MET C 4 -19.81 8.08 21.57
C MET C 4 -20.38 6.69 21.83
N SER C 5 -19.53 5.68 21.66
CA SER C 5 -19.88 4.29 21.93
C SER C 5 -18.60 3.47 21.87
N ASP C 6 -18.72 2.19 22.24
CA ASP C 6 -17.60 1.28 22.07
C ASP C 6 -17.28 1.05 20.60
N LEU C 7 -18.31 0.98 19.76
CA LEU C 7 -18.10 0.74 18.34
C LEU C 7 -17.30 1.86 17.70
N GLN C 8 -17.58 3.11 18.07
CA GLN C 8 -16.82 4.23 17.55
C GLN C 8 -15.36 4.12 17.93
N GLN C 9 -15.10 3.74 19.19
CA GLN C 9 -13.72 3.59 19.63
C GLN C 9 -13.00 2.48 18.87
N HIS C 10 -13.66 1.33 18.68
CA HIS C 10 -13.04 0.25 17.93
C HIS C 10 -12.74 0.68 16.50
N ALA C 11 -13.70 1.32 15.84
CA ALA C 11 -13.49 1.74 14.46
C ALA C 11 -12.33 2.72 14.34
N LEU C 12 -12.34 3.76 15.20
CA LEU C 12 -11.30 4.77 15.12
C LEU C 12 -9.93 4.20 15.46
N ASN C 13 -9.87 3.32 16.46
CA ASN C 13 -8.58 2.72 16.81
C ASN C 13 -8.04 1.85 15.68
N TYR C 14 -8.92 1.07 15.04
CA TYR C 14 -8.46 0.25 13.93
C TYR C 14 -7.97 1.11 12.77
N TYR C 15 -8.70 2.18 12.46
CA TYR C 15 -8.28 3.08 11.40
C TYR C 15 -6.92 3.70 11.71
N ARG C 16 -6.72 4.16 12.94
CA ARG C 16 -5.44 4.77 13.32
C ARG C 16 -4.32 3.75 13.29
N GLN C 17 -4.60 2.49 13.66
CA GLN C 17 -3.58 1.45 13.60
C GLN C 17 -3.16 1.22 12.16
N GLN C 18 -4.10 1.21 11.23
CA GLN C 18 -3.75 1.01 9.82
C GLN C 18 -3.12 2.24 9.17
N GLN C 19 -2.71 3.25 9.94
CA GLN C 19 -2.21 4.48 9.34
C GLN C 19 -0.73 4.40 9.01
N LEU C 20 0.06 3.77 9.87
CA LEU C 20 1.48 3.91 9.59
C LEU C 20 2.07 2.63 8.99
N PRO C 21 2.84 2.76 7.92
CA PRO C 21 3.49 1.58 7.32
C PRO C 21 4.72 1.17 8.12
N SER C 22 4.90 -0.14 8.21
CA SER C 22 6.02 -0.68 8.97
C SER C 22 7.34 -0.41 8.26
N GLY C 23 8.42 -0.44 9.04
CA GLY C 23 9.76 -0.27 8.51
C GLY C 23 10.26 1.17 8.48
N TRP C 24 9.71 1.99 7.59
CA TRP C 24 10.18 3.37 7.47
C TRP C 24 9.82 4.18 8.71
N ALA C 25 8.59 4.06 9.19
CA ALA C 25 8.14 4.85 10.34
C ALA C 25 8.93 4.49 11.59
N ASP C 26 9.15 3.20 11.83
CA ASP C 26 9.96 2.79 12.98
C ASP C 26 11.38 3.31 12.86
N LEU C 27 11.92 3.35 11.63
CA LEU C 27 13.26 3.89 11.42
C LEU C 27 13.29 5.37 11.78
N PHE C 28 12.28 6.13 11.38
CA PHE C 28 12.21 7.54 11.77
C PHE C 28 12.10 7.69 13.27
N GLY C 29 11.32 6.84 13.92
CA GLY C 29 11.21 6.89 15.37
C GLY C 29 12.54 6.68 16.06
N VAL C 30 13.29 5.66 15.62
CA VAL C 30 14.60 5.43 16.20
C VAL C 30 15.53 6.60 15.93
N ILE C 31 15.45 7.18 14.73
CA ILE C 31 16.26 8.35 14.39
C ILE C 31 16.00 9.47 15.39
N VAL C 32 14.73 9.79 15.62
CA VAL C 32 14.43 10.94 16.48
C VAL C 32 14.78 10.65 17.93
N ASN C 33 14.50 9.43 18.41
CA ASN C 33 14.87 9.10 19.78
C ASN C 33 16.37 9.21 19.99
N GLY C 34 17.16 8.64 19.08
CA GLY C 34 18.60 8.70 19.22
C GLY C 34 19.13 10.11 19.16
N MET C 35 18.65 10.90 18.20
CA MET C 35 19.17 12.26 18.04
C MET C 35 18.78 13.14 19.23
N MET C 36 17.55 13.00 19.73
CA MET C 36 17.14 13.79 20.89
C MET C 36 17.91 13.38 22.14
N ASP C 37 18.20 12.08 22.28
CA ASP C 37 19.02 11.64 23.40
C ASP C 37 20.44 12.17 23.29
N ASN C 38 20.97 12.25 22.06
CA ASN C 38 22.36 12.67 21.89
C ASN C 38 22.55 14.18 22.05
N ALA C 39 21.85 14.97 21.24
CA ALA C 39 22.18 16.39 21.10
C ALA C 39 21.35 17.31 21.98
N GLY C 40 20.29 16.81 22.62
CA GLY C 40 19.46 17.65 23.46
C GLY C 40 18.13 17.98 22.81
N GLU C 41 17.39 18.86 23.47
CA GLU C 41 16.04 19.20 23.03
C GLU C 41 16.00 20.37 22.06
N ARG C 42 16.51 21.53 22.45
CA ARG C 42 16.39 22.73 21.62
C ARG C 42 17.06 22.53 20.27
N GLU C 43 18.28 21.97 20.27
CA GLU C 43 18.97 21.70 19.03
C GLU C 43 18.21 20.69 18.18
N GLY C 44 17.61 19.68 18.81
CA GLY C 44 16.83 18.72 18.06
C GLY C 44 15.64 19.36 17.37
N LEU C 45 14.92 20.23 18.08
CA LEU C 45 13.79 20.92 17.48
C LEU C 45 14.24 21.81 16.33
N ALA C 46 15.33 22.55 16.51
CA ALA C 46 15.83 23.42 15.44
C ALA C 46 16.21 22.59 14.22
N PHE C 47 16.91 21.48 14.43
CA PHE C 47 17.31 20.62 13.32
C PHE C 47 16.11 20.05 12.60
N LEU C 48 15.10 19.59 13.35
CA LEU C 48 13.93 19.01 12.71
C LEU C 48 13.14 20.07 11.93
N ARG C 49 13.09 21.30 12.44
CA ARG C 49 12.45 22.37 11.69
C ARG C 49 13.20 22.64 10.38
N HIS C 50 14.54 22.63 10.44
CA HIS C 50 15.31 22.83 9.22
C HIS C 50 15.07 21.69 8.22
N ILE C 51 14.99 20.45 8.71
CA ILE C 51 14.69 19.32 7.84
C ILE C 51 13.31 19.47 7.22
N GLY C 52 12.33 19.93 8.01
CA GLY C 52 11.01 20.15 7.45
C GLY C 52 11.01 21.19 6.34
N GLY C 53 11.76 22.28 6.54
CA GLY C 53 11.88 23.27 5.48
C GLY C 53 12.53 22.71 4.23
N GLN C 54 13.59 21.92 4.41
CA GLN C 54 14.26 21.32 3.26
C GLN C 54 13.33 20.37 2.50
N LEU C 55 12.55 19.57 3.24
CA LEU C 55 11.59 18.69 2.61
C LEU C 55 10.52 19.47 1.87
N ALA C 56 10.07 20.57 2.47
CA ALA C 56 9.07 21.41 1.82
C ALA C 56 9.59 21.98 0.51
N GLU C 57 10.88 22.33 0.46
CA GLU C 57 11.47 22.87 -0.76
C GLU C 57 11.35 21.91 -1.94
N ARG C 58 11.27 20.59 -1.68
CA ARG C 58 11.25 19.62 -2.78
C ARG C 58 9.90 19.60 -3.48
N TYR C 59 8.80 19.79 -2.74
CA TYR C 59 7.46 19.73 -3.33
C TYR C 59 6.92 21.14 -3.54
N PRO C 60 6.87 21.63 -4.77
CA PRO C 60 6.32 22.97 -5.00
C PRO C 60 4.81 22.95 -5.19
N LEU C 61 4.08 23.64 -4.32
CA LEU C 61 2.65 23.76 -4.49
C LEU C 61 2.36 24.74 -5.64
N PRO C 62 1.36 24.44 -6.48
CA PRO C 62 0.99 25.38 -7.55
C PRO C 62 0.48 26.69 -6.97
N ALA C 63 0.68 27.76 -7.75
CA ALA C 63 0.28 29.09 -7.31
C ALA C 63 -1.24 29.19 -7.26
N ALA C 64 -1.77 29.32 -6.05
CA ALA C 64 -3.21 29.44 -5.84
C ALA C 64 -3.61 30.89 -5.67
N VAL C 65 -4.92 31.13 -5.68
CA VAL C 65 -5.45 32.48 -5.55
C VAL C 65 -6.40 32.64 -4.36
N THR C 66 -7.07 31.60 -3.91
CA THR C 66 -8.00 31.67 -2.78
C THR C 66 -7.60 30.64 -1.73
N VAL C 67 -8.16 30.81 -0.53
CA VAL C 67 -7.79 29.95 0.58
C VAL C 67 -8.30 28.53 0.37
N VAL C 68 -9.49 28.38 -0.23
CA VAL C 68 -10.01 27.03 -0.47
C VAL C 68 -9.12 26.29 -1.46
N ASP C 69 -8.57 27.00 -2.44
CA ASP C 69 -7.59 26.39 -3.34
C ASP C 69 -6.37 25.93 -2.56
N LEU C 70 -5.92 26.74 -1.60
CA LEU C 70 -4.77 26.36 -0.78
C LEU C 70 -5.06 25.08 0.01
N GLU C 71 -6.22 25.00 0.65
CA GLU C 71 -6.51 23.81 1.45
C GLU C 71 -6.67 22.59 0.55
N ARG C 72 -7.27 22.77 -0.63
CA ARG C 72 -7.39 21.65 -1.55
C ARG C 72 -6.03 21.15 -2.01
N GLU C 73 -5.10 22.07 -2.30
CA GLU C 73 -3.77 21.66 -2.73
C GLU C 73 -3.00 20.98 -1.61
N ILE C 74 -3.09 21.53 -0.39
CA ILE C 74 -2.41 20.91 0.75
C ILE C 74 -2.97 19.53 1.01
N ASN C 75 -4.29 19.36 0.92
CA ASN C 75 -4.89 18.05 1.10
C ASN C 75 -4.44 17.08 0.01
N ARG C 76 -4.34 17.57 -1.23
CA ARG C 76 -3.86 16.72 -2.32
C ARG C 76 -2.43 16.24 -2.06
N VAL C 77 -1.58 17.13 -1.56
CA VAL C 77 -0.20 16.74 -1.30
C VAL C 77 -0.11 15.78 -0.11
N LEU C 78 -0.84 16.06 0.97
CA LEU C 78 -0.76 15.24 2.17
C LEU C 78 -1.48 13.90 2.05
N SER C 79 -2.42 13.76 1.11
CA SER C 79 -3.09 12.48 0.94
C SER C 79 -2.12 11.41 0.44
N LEU C 80 -1.04 11.82 -0.20
CA LEU C 80 -0.05 10.86 -0.69
C LEU C 80 0.81 10.32 0.44
N PHE C 81 1.11 11.14 1.44
CA PHE C 81 1.92 10.71 2.57
C PHE C 81 1.12 10.01 3.65
N HIS C 82 -0.22 10.02 3.56
CA HIS C 82 -1.10 9.54 4.63
C HIS C 82 -0.93 10.36 5.91
N TRP C 83 -0.62 11.64 5.75
CA TRP C 83 -0.44 12.54 6.89
C TRP C 83 -1.72 13.32 7.19
N GLY C 84 -2.77 12.60 7.54
CA GLY C 84 -3.97 13.23 8.08
C GLY C 84 -4.68 14.17 7.11
N CYS C 85 -5.35 15.17 7.70
CA CYS C 85 -6.13 16.15 6.96
C CYS C 85 -5.89 17.54 7.56
N VAL C 86 -6.17 18.55 6.76
CA VAL C 86 -5.92 19.94 7.15
C VAL C 86 -7.16 20.78 6.88
N ASP C 87 -7.43 21.72 7.79
CA ASP C 87 -8.52 22.66 7.65
C ASP C 87 -7.99 24.08 7.83
N LEU C 88 -8.44 24.99 6.97
CA LEU C 88 -8.07 26.39 7.05
C LEU C 88 -9.24 27.18 7.62
N ARG C 89 -8.96 28.09 8.55
CA ARG C 89 -9.96 29.03 9.05
C ARG C 89 -9.39 30.43 9.03
N PRO C 90 -9.86 31.31 8.15
CA PRO C 90 -9.37 32.69 8.13
C PRO C 90 -10.12 33.60 9.08
N TYR C 91 -9.41 34.63 9.54
CA TYR C 91 -9.97 35.62 10.45
C TYR C 91 -9.57 37.00 9.97
N GLU C 92 -9.90 38.03 10.76
CA GLU C 92 -9.63 39.40 10.36
C GLU C 92 -8.14 39.66 10.19
N ASN C 93 -7.30 39.09 11.08
CA ASN C 93 -5.86 39.23 10.95
C ASN C 93 -5.12 37.95 11.28
N ARG C 94 -5.82 36.82 11.45
CA ARG C 94 -5.21 35.57 11.83
C ARG C 94 -5.62 34.48 10.85
N LEU C 95 -4.85 33.39 10.86
CA LEU C 95 -5.16 32.20 10.09
C LEU C 95 -4.91 30.99 10.97
N GLU C 96 -5.94 30.14 11.13
CA GLU C 96 -5.85 28.98 11.99
C GLU C 96 -5.77 27.72 11.14
N ILE C 97 -4.80 26.86 11.45
CA ILE C 97 -4.53 25.64 10.73
C ILE C 97 -4.90 24.49 11.66
N TYR C 98 -5.97 23.77 11.33
CA TYR C 98 -6.35 22.60 12.10
C TYR C 98 -5.78 21.36 11.44
N HIS C 99 -4.99 20.59 12.17
CA HIS C 99 -4.42 19.35 11.66
C HIS C 99 -5.11 18.20 12.37
N LEU C 100 -5.74 17.32 11.60
CA LEU C 100 -6.56 16.23 12.14
C LEU C 100 -6.03 14.89 11.66
N ALA C 101 -6.25 13.87 12.49
CA ALA C 101 -5.86 12.50 12.19
C ALA C 101 -4.35 12.38 11.98
N LEU C 102 -3.61 12.85 12.98
CA LEU C 102 -2.17 12.74 12.95
C LEU C 102 -1.75 11.28 13.00
N PRO C 103 -0.65 10.91 12.35
CA PRO C 103 -0.14 9.53 12.48
C PRO C 103 0.07 9.17 13.94
N ALA C 104 -0.44 8.01 14.33
CA ALA C 104 -0.44 7.62 15.73
C ALA C 104 0.98 7.30 16.19
N SER C 105 1.17 7.32 17.51
CA SER C 105 2.46 6.95 18.08
C SER C 105 2.70 5.46 17.92
N VAL C 106 3.98 5.09 17.88
CA VAL C 106 4.39 3.71 17.65
C VAL C 106 4.87 3.02 18.93
N ASN C 107 5.27 3.79 19.94
CA ASN C 107 5.73 3.22 21.20
C ASN C 107 4.95 3.84 22.35
N SER C 108 4.48 3.00 23.27
CA SER C 108 3.72 3.48 24.41
C SER C 108 4.56 4.32 25.37
N SER C 109 5.88 4.13 25.38
CA SER C 109 6.76 4.86 26.28
C SER C 109 7.36 6.11 25.65
N GLY C 110 7.10 6.36 24.37
CA GLY C 110 7.67 7.52 23.72
C GLY C 110 6.66 8.30 22.89
N SER C 111 5.39 8.29 23.32
CA SER C 111 4.35 8.95 22.56
C SER C 111 4.59 10.46 22.48
N VAL C 112 4.95 11.08 23.61
CA VAL C 112 5.13 12.53 23.63
C VAL C 112 6.32 12.95 22.78
N ARG C 113 7.40 12.16 22.79
CA ARG C 113 8.55 12.45 21.94
C ARG C 113 8.15 12.42 20.47
N TRP C 114 7.41 11.39 20.07
CA TRP C 114 6.96 11.28 18.68
C TRP C 114 6.06 12.44 18.30
N ARG C 115 5.13 12.81 19.18
CA ARG C 115 4.24 13.92 18.87
C ARG C 115 5.01 15.22 18.73
N MET C 116 5.99 15.45 19.61
CA MET C 116 6.79 16.67 19.51
C MET C 116 7.57 16.71 18.21
N ALA C 117 8.18 15.58 17.83
CA ALA C 117 8.94 15.54 16.59
C ALA C 117 8.05 15.80 15.38
N MET C 118 6.90 15.13 15.33
CA MET C 118 6.00 15.29 14.19
C MET C 118 5.47 16.71 14.11
N ALA C 119 5.15 17.31 15.27
CA ALA C 119 4.72 18.69 15.31
C ALA C 119 5.80 19.62 14.79
N ALA C 120 7.05 19.39 15.18
CA ALA C 120 8.15 20.23 14.70
C ALA C 120 8.30 20.15 13.19
N VAL C 121 8.31 18.92 12.65
CA VAL C 121 8.54 18.79 11.21
C VAL C 121 7.37 19.38 10.43
N LEU C 122 6.14 19.20 10.94
CA LEU C 122 5.00 19.81 10.28
C LEU C 122 5.03 21.33 10.38
N GLN C 123 5.50 21.86 11.50
CA GLN C 123 5.62 23.30 11.64
C GLN C 123 6.56 23.86 10.60
N GLY C 124 7.71 23.21 10.40
CA GLY C 124 8.62 23.65 9.37
C GLY C 124 8.02 23.56 7.97
N LEU C 125 7.34 22.44 7.70
CA LEU C 125 6.73 22.23 6.39
C LEU C 125 5.71 23.32 6.08
N TYR C 126 4.77 23.54 7.00
CA TYR C 126 3.77 24.59 6.82
C TYR C 126 4.41 25.96 6.74
N SER C 127 5.45 26.21 7.54
CA SER C 127 6.12 27.50 7.49
C SER C 127 6.65 27.78 6.09
N ARG C 128 7.34 26.80 5.50
CA ARG C 128 7.91 27.05 4.17
C ARG C 128 6.81 27.22 3.12
N TRP C 129 5.79 26.36 3.14
CA TRP C 129 4.71 26.50 2.16
C TRP C 129 4.04 27.87 2.27
N LEU C 130 3.68 28.28 3.49
CA LEU C 130 2.99 29.55 3.65
C LEU C 130 3.87 30.73 3.31
N ARG C 131 5.18 30.64 3.61
CA ARG C 131 6.09 31.73 3.27
C ARG C 131 6.21 31.89 1.76
N GLU C 132 6.32 30.78 1.03
CA GLU C 132 6.57 30.89 -0.41
C GLU C 132 5.35 31.41 -1.16
N GLN C 133 4.14 31.05 -0.72
CA GLN C 133 2.95 31.33 -1.51
C GLN C 133 2.54 32.80 -1.52
N GLY C 134 3.16 33.64 -0.69
CA GLY C 134 2.83 35.05 -0.69
C GLY C 134 2.53 35.62 0.68
N GLY C 135 2.87 34.87 1.73
CA GLY C 135 2.67 35.36 3.09
C GLY C 135 3.72 36.36 3.51
N VAL C 136 3.87 36.57 4.82
CA VAL C 136 4.86 37.49 5.36
C VAL C 136 6.02 36.67 5.92
N GLU C 137 7.24 37.07 5.59
CA GLU C 137 8.43 36.31 5.96
C GLU C 137 8.91 36.58 7.38
N SER C 138 8.33 37.57 8.07
CA SER C 138 8.77 37.94 9.41
C SER C 138 7.89 37.33 10.51
N VAL C 139 6.94 36.47 10.15
CA VAL C 139 6.05 35.88 11.14
C VAL C 139 6.13 34.36 11.05
N PRO C 140 6.44 33.68 12.16
CA PRO C 140 6.46 32.21 12.14
C PRO C 140 5.09 31.62 12.46
N LEU C 141 4.99 30.29 12.45
CA LEU C 141 3.76 29.58 12.78
C LEU C 141 3.83 29.10 14.23
N SER C 142 2.86 29.52 15.04
CA SER C 142 2.84 29.12 16.44
C SER C 142 2.08 27.81 16.60
N CYS C 143 2.66 26.89 17.37
CA CYS C 143 2.05 25.60 17.63
C CYS C 143 1.17 25.67 18.89
N GLU C 144 0.14 24.82 18.92
CA GLU C 144 -0.75 24.79 20.07
C GLU C 144 -1.39 23.42 20.20
N GLU C 145 -1.43 22.92 21.44
CA GLU C 145 -2.07 21.66 21.76
C GLU C 145 -3.58 21.84 21.96
N THR C 146 -4.34 20.85 21.52
CA THR C 146 -5.77 20.79 21.70
C THR C 146 -6.10 19.53 22.51
N ASP C 147 -7.31 19.49 23.07
CA ASP C 147 -7.70 18.42 23.98
C ASP C 147 -7.47 17.04 23.37
N SER C 148 -7.94 16.84 22.14
CA SER C 148 -7.76 15.57 21.47
C SER C 148 -6.28 15.35 21.16
N GLU C 149 -5.80 14.12 21.37
CA GLU C 149 -4.41 13.77 21.12
C GLU C 149 -4.06 13.77 19.63
N SER C 150 -5.02 13.53 18.74
CA SER C 150 -4.74 13.38 17.33
C SER C 150 -4.92 14.68 16.54
N THR C 151 -5.04 15.82 17.21
CA THR C 151 -5.24 17.09 16.53
C THR C 151 -4.26 18.13 17.04
N LEU C 152 -3.87 19.03 16.14
CA LEU C 152 -2.96 20.14 16.46
C LEU C 152 -3.52 21.43 15.91
N LEU C 153 -3.21 22.54 16.58
CA LEU C 153 -3.63 23.86 16.12
C LEU C 153 -2.39 24.67 15.76
N PHE C 154 -2.44 25.40 14.66
CA PHE C 154 -1.36 26.27 14.25
C PHE C 154 -1.91 27.67 14.02
N ARG C 155 -1.17 28.68 14.45
CA ARG C 155 -1.59 30.07 14.40
C ARG C 155 -0.65 30.85 13.52
N TYR C 156 -1.21 31.60 12.56
CA TYR C 156 -0.47 32.47 11.67
C TYR C 156 -0.98 33.89 11.87
N GLN C 157 -0.15 34.74 12.47
CA GLN C 157 -0.56 36.10 12.79
C GLN C 157 0.08 37.11 11.83
N MET D 4 19.37 -10.16 -22.63
CA MET D 4 18.70 -8.94 -22.22
C MET D 4 18.00 -8.29 -23.42
N SER D 5 17.23 -7.24 -23.14
CA SER D 5 16.53 -6.48 -24.16
C SER D 5 16.04 -5.18 -23.54
N ASP D 6 15.43 -4.34 -24.38
CA ASP D 6 14.81 -3.12 -23.87
C ASP D 6 13.64 -3.43 -22.96
N LEU D 7 12.86 -4.47 -23.28
CA LEU D 7 11.69 -4.80 -22.47
C LEU D 7 12.08 -5.17 -21.05
N GLN D 8 13.17 -5.92 -20.90
CA GLN D 8 13.64 -6.27 -19.56
C GLN D 8 14.00 -5.01 -18.78
N GLN D 9 14.67 -4.06 -19.43
CA GLN D 9 15.03 -2.82 -18.76
C GLN D 9 13.80 -2.04 -18.34
N HIS D 10 12.79 -1.93 -19.23
CA HIS D 10 11.57 -1.22 -18.86
C HIS D 10 10.88 -1.89 -17.68
N ALA D 11 10.76 -3.22 -17.71
CA ALA D 11 10.08 -3.92 -16.63
C ALA D 11 10.81 -3.72 -15.31
N LEU D 12 12.12 -3.90 -15.31
CA LEU D 12 12.88 -3.78 -14.07
C LEU D 12 12.85 -2.36 -13.55
N ASN D 13 12.95 -1.36 -14.44
CA ASN D 13 12.91 0.03 -14.01
C ASN D 13 11.56 0.37 -13.41
N TYR D 14 10.47 -0.08 -14.02
CA TYR D 14 9.15 0.19 -13.46
C TYR D 14 8.98 -0.47 -12.10
N TYR D 15 9.44 -1.72 -11.97
CA TYR D 15 9.36 -2.40 -10.68
C TYR D 15 10.14 -1.65 -9.61
N ARG D 16 11.36 -1.21 -9.94
CA ARG D 16 12.16 -0.47 -8.97
C ARG D 16 11.53 0.88 -8.63
N GLN D 17 10.88 1.52 -9.60
CA GLN D 17 10.20 2.77 -9.33
C GLN D 17 9.06 2.57 -8.34
N GLN D 18 8.31 1.48 -8.48
CA GLN D 18 7.22 1.20 -7.55
C GLN D 18 7.69 0.66 -6.21
N GLN D 19 8.97 0.76 -5.88
CA GLN D 19 9.47 0.13 -4.66
C GLN D 19 9.38 1.06 -3.45
N LEU D 20 9.65 2.35 -3.63
CA LEU D 20 9.70 3.11 -2.39
C LEU D 20 8.47 3.99 -2.22
N PRO D 21 7.85 3.96 -1.04
CA PRO D 21 6.68 4.80 -0.79
C PRO D 21 7.08 6.24 -0.53
N SER D 22 6.27 7.17 -1.04
CA SER D 22 6.54 8.59 -0.89
C SER D 22 6.34 9.03 0.55
N GLY D 23 6.98 10.14 0.89
CA GLY D 23 6.85 10.74 2.20
C GLY D 23 7.88 10.27 3.22
N TRP D 24 7.76 9.02 3.67
CA TRP D 24 8.68 8.55 4.70
C TRP D 24 10.09 8.38 4.14
N ALA D 25 10.22 7.79 2.94
CA ALA D 25 11.54 7.56 2.37
C ALA D 25 12.26 8.87 2.08
N ASP D 26 11.54 9.85 1.52
CA ASP D 26 12.16 11.15 1.27
C ASP D 26 12.59 11.81 2.58
N LEU D 27 11.79 11.63 3.64
CA LEU D 27 12.16 12.18 4.93
C LEU D 27 13.44 11.55 5.44
N PHE D 28 13.58 10.24 5.30
CA PHE D 28 14.82 9.58 5.70
C PHE D 28 15.99 10.08 4.88
N GLY D 29 15.78 10.27 3.58
CA GLY D 29 16.86 10.78 2.73
C GLY D 29 17.33 12.15 3.17
N VAL D 30 16.40 13.05 3.43
CA VAL D 30 16.77 14.38 3.89
C VAL D 30 17.47 14.31 5.24
N ILE D 31 16.98 13.46 6.14
CA ILE D 31 17.60 13.34 7.46
C ILE D 31 19.05 12.89 7.33
N VAL D 32 19.30 11.86 6.52
CA VAL D 32 20.66 11.35 6.42
C VAL D 32 21.56 12.35 5.69
N ASN D 33 21.04 13.02 4.67
CA ASN D 33 21.83 14.03 3.98
C ASN D 33 22.25 15.14 4.93
N GLY D 34 21.30 15.67 5.70
CA GLY D 34 21.62 16.73 6.64
C GLY D 34 22.59 16.27 7.72
N MET D 35 22.38 15.07 8.26
CA MET D 35 23.26 14.60 9.33
C MET D 35 24.68 14.37 8.82
N MET D 36 24.82 13.80 7.63
CA MET D 36 26.15 13.58 7.07
C MET D 36 26.83 14.91 6.74
N ASP D 37 26.06 15.89 6.26
CA ASP D 37 26.63 17.21 6.01
C ASP D 37 27.09 17.87 7.31
N ASN D 38 26.35 17.63 8.41
CA ASN D 38 26.66 18.29 9.66
C ASN D 38 27.84 17.64 10.38
N ALA D 39 27.73 16.36 10.72
CA ALA D 39 28.65 15.74 11.67
C ALA D 39 29.82 15.02 11.03
N GLY D 40 29.84 14.87 9.71
CA GLY D 40 30.94 14.19 9.04
C GLY D 40 30.54 12.79 8.58
N GLU D 41 31.55 12.06 8.11
CA GLU D 41 31.33 10.74 7.54
C GLU D 41 31.42 9.62 8.57
N ARG D 42 32.56 9.49 9.26
CA ARG D 42 32.77 8.36 10.16
C ARG D 42 31.72 8.35 11.27
N GLU D 43 31.45 9.52 11.85
CA GLU D 43 30.44 9.60 12.90
C GLU D 43 29.05 9.24 12.37
N GLY D 44 28.74 9.67 11.14
CA GLY D 44 27.46 9.31 10.55
C GLY D 44 27.32 7.80 10.37
N LEU D 45 28.37 7.15 9.87
CA LEU D 45 28.32 5.71 9.72
C LEU D 45 28.18 5.00 11.07
N ALA D 46 28.90 5.47 12.08
CA ALA D 46 28.80 4.87 13.40
C ALA D 46 27.39 5.00 13.95
N PHE D 47 26.81 6.20 13.83
CA PHE D 47 25.45 6.41 14.34
C PHE D 47 24.44 5.57 13.58
N LEU D 48 24.61 5.45 12.26
CA LEU D 48 23.70 4.63 11.46
C LEU D 48 23.79 3.16 11.87
N ARG D 49 25.01 2.67 12.11
CA ARG D 49 25.15 1.29 12.59
C ARG D 49 24.49 1.11 13.95
N HIS D 50 24.64 2.10 14.84
CA HIS D 50 24.02 2.00 16.16
C HIS D 50 22.50 1.95 16.06
N ILE D 51 21.91 2.82 15.22
CA ILE D 51 20.45 2.82 15.11
C ILE D 51 19.97 1.55 14.42
N GLY D 52 20.79 1.00 13.50
CA GLY D 52 20.44 -0.28 12.91
C GLY D 52 20.39 -1.38 13.94
N GLY D 53 21.36 -1.41 14.85
CA GLY D 53 21.30 -2.39 15.93
C GLY D 53 20.08 -2.17 16.82
N GLN D 54 19.77 -0.92 17.13
CA GLN D 54 18.60 -0.63 17.96
C GLN D 54 17.31 -1.10 17.29
N LEU D 55 17.19 -0.87 15.97
CA LEU D 55 16.02 -1.33 15.23
C LEU D 55 15.96 -2.85 15.20
N ALA D 56 17.12 -3.50 15.06
CA ALA D 56 17.16 -4.96 15.10
C ALA D 56 16.67 -5.49 16.43
N GLU D 57 16.98 -4.77 17.52
CA GLU D 57 16.53 -5.21 18.84
C GLU D 57 15.00 -5.29 18.94
N ARG D 58 14.27 -4.47 18.18
CA ARG D 58 12.82 -4.44 18.30
C ARG D 58 12.18 -5.70 17.73
N TYR D 59 12.70 -6.23 16.63
CA TYR D 59 12.12 -7.40 15.98
C TYR D 59 12.89 -8.65 16.35
N PRO D 60 12.35 -9.53 17.19
CA PRO D 60 13.08 -10.76 17.54
C PRO D 60 12.82 -11.91 16.58
N LEU D 61 13.89 -12.46 16.01
CA LEU D 61 13.73 -13.63 15.17
C LEU D 61 13.51 -14.87 16.03
N PRO D 62 12.61 -15.77 15.62
CA PRO D 62 12.44 -17.04 16.33
C PRO D 62 13.72 -17.89 16.23
N ALA D 63 13.91 -18.73 17.24
CA ALA D 63 15.11 -19.55 17.30
C ALA D 63 15.07 -20.61 16.20
N ALA D 64 15.98 -20.49 15.24
CA ALA D 64 16.07 -21.44 14.14
C ALA D 64 17.12 -22.49 14.42
N VAL D 65 17.12 -23.54 13.60
CA VAL D 65 18.09 -24.62 13.76
C VAL D 65 18.95 -24.84 12.51
N THR D 66 18.48 -24.48 11.31
CA THR D 66 19.24 -24.65 10.09
C THR D 66 19.33 -23.33 9.36
N VAL D 67 20.21 -23.27 8.36
CA VAL D 67 20.43 -22.04 7.62
C VAL D 67 19.23 -21.70 6.75
N VAL D 68 18.60 -22.70 6.13
CA VAL D 68 17.44 -22.43 5.29
C VAL D 68 16.29 -21.85 6.11
N ASP D 69 16.15 -22.29 7.36
CA ASP D 69 15.21 -21.64 8.25
C ASP D 69 15.55 -20.17 8.43
N LEU D 70 16.85 -19.86 8.54
CA LEU D 70 17.26 -18.47 8.71
C LEU D 70 16.91 -17.64 7.47
N GLU D 71 17.19 -18.16 6.27
CA GLU D 71 16.88 -17.39 5.07
C GLU D 71 15.37 -17.19 4.93
N ARG D 72 14.58 -18.23 5.22
CA ARG D 72 13.13 -18.09 5.13
C ARG D 72 12.61 -17.05 6.12
N GLU D 73 13.14 -17.06 7.35
CA GLU D 73 12.65 -16.14 8.36
C GLU D 73 13.08 -14.71 8.08
N ILE D 74 14.32 -14.53 7.63
CA ILE D 74 14.79 -13.19 7.27
C ILE D 74 14.01 -12.64 6.10
N ASN D 75 13.70 -13.49 5.10
CA ASN D 75 12.86 -13.04 3.99
C ASN D 75 11.46 -12.69 4.48
N ARG D 76 10.93 -13.46 5.42
CA ARG D 76 9.61 -13.15 5.97
C ARG D 76 9.60 -11.78 6.65
N VAL D 77 10.66 -11.48 7.40
CA VAL D 77 10.73 -10.19 8.09
C VAL D 77 10.93 -9.05 7.08
N LEU D 78 11.81 -9.25 6.09
CA LEU D 78 12.13 -8.21 5.14
C LEU D 78 11.03 -7.95 4.12
N SER D 79 10.16 -8.93 3.86
CA SER D 79 9.09 -8.73 2.90
C SER D 79 8.11 -7.67 3.37
N LEU D 80 8.03 -7.46 4.69
CA LEU D 80 7.11 -6.47 5.22
C LEU D 80 7.60 -5.05 4.97
N PHE D 81 8.92 -4.84 5.01
CA PHE D 81 9.48 -3.52 4.77
C PHE D 81 9.69 -3.20 3.29
N HIS D 82 9.51 -4.18 2.41
CA HIS D 82 9.86 -4.04 0.99
C HIS D 82 11.36 -3.81 0.80
N TRP D 83 12.17 -4.38 1.70
CA TRP D 83 13.62 -4.23 1.62
C TRP D 83 14.27 -5.43 0.93
N GLY D 84 13.94 -5.61 -0.35
CA GLY D 84 14.64 -6.56 -1.17
C GLY D 84 14.52 -8.01 -0.73
N CYS D 85 15.54 -8.78 -1.09
CA CYS D 85 15.60 -10.21 -0.78
C CYS D 85 17.01 -10.56 -0.36
N VAL D 86 17.14 -11.68 0.36
CA VAL D 86 18.40 -12.12 0.91
C VAL D 86 18.67 -13.57 0.52
N ASP D 87 19.93 -13.87 0.26
CA ASP D 87 20.37 -15.22 -0.05
C ASP D 87 21.54 -15.58 0.86
N LEU D 88 21.51 -16.80 1.39
CA LEU D 88 22.56 -17.32 2.26
C LEU D 88 23.42 -18.29 1.48
N ARG D 89 24.73 -18.15 1.60
CA ARG D 89 25.65 -19.14 1.04
C ARG D 89 26.67 -19.52 2.09
N PRO D 90 26.61 -20.74 2.63
CA PRO D 90 27.60 -21.18 3.62
C PRO D 90 28.84 -21.79 2.98
N TYR D 91 29.95 -21.67 3.69
CA TYR D 91 31.23 -22.22 3.25
C TYR D 91 31.88 -22.93 4.43
N GLU D 92 33.13 -23.37 4.21
CA GLU D 92 33.82 -24.14 5.25
C GLU D 92 34.05 -23.32 6.52
N ASN D 93 34.36 -22.02 6.37
CA ASN D 93 34.48 -21.16 7.53
C ASN D 93 33.90 -19.76 7.29
N ARG D 94 33.17 -19.56 6.20
CA ARG D 94 32.63 -18.25 5.86
C ARG D 94 31.13 -18.37 5.62
N LEU D 95 30.46 -17.22 5.67
CA LEU D 95 29.04 -17.10 5.34
C LEU D 95 28.86 -15.85 4.48
N GLU D 96 28.28 -16.03 3.30
CA GLU D 96 28.06 -14.91 2.38
C GLU D 96 26.60 -14.54 2.34
N ILE D 97 26.33 -13.25 2.47
CA ILE D 97 24.99 -12.68 2.48
C ILE D 97 24.84 -11.91 1.17
N TYR D 98 23.98 -12.39 0.28
CA TYR D 98 23.69 -11.66 -0.95
C TYR D 98 22.40 -10.88 -0.74
N HIS D 99 22.47 -9.56 -0.89
CA HIS D 99 21.29 -8.72 -0.79
C HIS D 99 20.93 -8.23 -2.17
N LEU D 100 19.70 -8.52 -2.59
CA LEU D 100 19.25 -8.24 -3.95
C LEU D 100 18.03 -7.33 -3.92
N ALA D 101 17.87 -6.54 -4.97
CA ALA D 101 16.75 -5.63 -5.15
C ALA D 101 16.68 -4.61 -4.02
N LEU D 102 17.79 -3.90 -3.84
CA LEU D 102 17.84 -2.85 -2.83
C LEU D 102 16.90 -1.71 -3.23
N PRO D 103 16.30 -1.04 -2.25
CA PRO D 103 15.49 0.15 -2.57
C PRO D 103 16.31 1.15 -3.36
N ALA D 104 15.74 1.60 -4.49
CA ALA D 104 16.48 2.43 -5.41
C ALA D 104 16.70 3.82 -4.81
N SER D 105 17.67 4.53 -5.37
CA SER D 105 17.94 5.90 -4.94
C SER D 105 16.81 6.82 -5.36
N VAL D 106 16.64 7.90 -4.60
CA VAL D 106 15.54 8.85 -4.82
C VAL D 106 16.00 10.13 -5.48
N ASN D 107 17.29 10.45 -5.42
CA ASN D 107 17.82 11.66 -6.03
C ASN D 107 19.00 11.29 -6.93
N SER D 108 19.05 11.87 -8.12
CA SER D 108 20.12 11.57 -9.06
C SER D 108 21.47 12.09 -8.59
N SER D 109 21.49 13.10 -7.71
CA SER D 109 22.73 13.67 -7.23
C SER D 109 23.19 13.08 -5.89
N GLY D 110 22.43 12.15 -5.32
CA GLY D 110 22.79 11.58 -4.04
C GLY D 110 22.66 10.07 -3.99
N SER D 111 22.84 9.41 -5.14
CA SER D 111 22.70 7.96 -5.18
C SER D 111 23.73 7.27 -4.31
N VAL D 112 24.98 7.73 -4.36
CA VAL D 112 26.03 7.09 -3.56
C VAL D 112 25.82 7.31 -2.08
N ARG D 113 25.37 8.51 -1.68
CA ARG D 113 25.09 8.77 -0.27
C ARG D 113 23.99 7.84 0.23
N TRP D 114 22.91 7.70 -0.55
CA TRP D 114 21.82 6.81 -0.17
C TRP D 114 22.30 5.37 -0.08
N ARG D 115 23.12 4.94 -1.04
CA ARG D 115 23.63 3.57 -1.01
C ARG D 115 24.46 3.33 0.24
N MET D 116 25.33 4.29 0.59
CA MET D 116 26.16 4.13 1.77
C MET D 116 25.32 4.08 3.04
N ALA D 117 24.33 4.96 3.16
CA ALA D 117 23.47 4.98 4.34
C ALA D 117 22.69 3.67 4.47
N MET D 118 22.09 3.21 3.38
CA MET D 118 21.30 1.99 3.43
C MET D 118 22.19 0.79 3.75
N ALA D 119 23.41 0.77 3.18
CA ALA D 119 24.35 -0.29 3.49
C ALA D 119 24.72 -0.30 4.95
N ALA D 120 24.94 0.88 5.55
CA ALA D 120 25.27 0.94 6.96
C ALA D 120 24.13 0.42 7.82
N VAL D 121 22.90 0.86 7.52
CA VAL D 121 21.75 0.43 8.32
C VAL D 121 21.59 -1.08 8.22
N LEU D 122 21.69 -1.63 7.01
CA LEU D 122 21.56 -3.07 6.83
C LEU D 122 22.70 -3.81 7.50
N GLN D 123 23.91 -3.24 7.49
CA GLN D 123 25.03 -3.88 8.17
C GLN D 123 24.76 -4.00 9.65
N GLY D 124 24.28 -2.94 10.28
CA GLY D 124 23.92 -3.02 11.69
C GLY D 124 22.82 -4.04 11.95
N LEU D 125 21.80 -4.03 11.10
CA LEU D 125 20.68 -4.95 11.26
C LEU D 125 21.16 -6.40 11.21
N TYR D 126 21.91 -6.76 10.16
CA TYR D 126 22.41 -8.12 10.02
C TYR D 126 23.38 -8.47 11.14
N SER D 127 24.22 -7.52 11.56
CA SER D 127 25.17 -7.79 12.63
C SER D 127 24.44 -8.21 13.90
N ARG D 128 23.45 -7.42 14.33
CA ARG D 128 22.72 -7.78 15.53
C ARG D 128 21.96 -9.09 15.36
N TRP D 129 21.31 -9.27 14.20
CA TRP D 129 20.51 -10.48 14.00
C TRP D 129 21.37 -11.73 14.06
N LEU D 130 22.51 -11.72 13.38
CA LEU D 130 23.40 -12.87 13.40
C LEU D 130 24.05 -13.07 14.75
N ARG D 131 24.36 -11.97 15.46
CA ARG D 131 24.99 -12.10 16.78
C ARG D 131 24.04 -12.78 17.76
N GLU D 132 22.76 -12.41 17.73
CA GLU D 132 21.83 -12.96 18.72
C GLU D 132 21.57 -14.44 18.50
N GLN D 133 21.50 -14.89 17.25
CA GLN D 133 21.02 -16.23 16.95
C GLN D 133 22.00 -17.33 17.32
N GLY D 134 23.23 -16.99 17.69
CA GLY D 134 24.19 -18.01 18.09
C GLY D 134 25.53 -17.93 17.39
N GLY D 135 25.80 -16.81 16.73
CA GLY D 135 27.07 -16.60 16.07
C GLY D 135 28.18 -16.25 17.04
N VAL D 136 29.26 -15.67 16.55
CA VAL D 136 30.39 -15.25 17.37
C VAL D 136 30.33 -13.73 17.51
N GLU D 137 30.50 -13.25 18.75
CA GLU D 137 30.34 -11.83 19.05
C GLU D 137 31.58 -11.01 18.74
N SER D 138 32.70 -11.65 18.40
CA SER D 138 33.95 -10.94 18.14
C SER D 138 34.22 -10.71 16.67
N VAL D 139 33.28 -11.06 15.79
CA VAL D 139 33.48 -10.91 14.36
C VAL D 139 32.39 -10.04 13.77
N PRO D 140 32.73 -8.94 13.10
CA PRO D 140 31.70 -8.11 12.45
C PRO D 140 31.38 -8.59 11.04
N LEU D 141 30.46 -7.91 10.38
CA LEU D 141 30.08 -8.22 9.00
C LEU D 141 30.80 -7.26 8.06
N SER D 142 31.57 -7.80 7.13
CA SER D 142 32.28 -6.97 6.17
C SER D 142 31.39 -6.68 4.96
N CYS D 143 31.37 -5.43 4.53
CA CYS D 143 30.58 -5.00 3.39
C CYS D 143 31.40 -5.06 2.10
N GLU D 144 30.71 -5.25 0.98
CA GLU D 144 31.37 -5.25 -0.31
C GLU D 144 30.36 -4.94 -1.41
N GLU D 145 30.79 -4.12 -2.37
CA GLU D 145 29.97 -3.82 -3.53
C GLU D 145 30.20 -4.83 -4.64
N THR D 146 29.20 -4.98 -5.51
CA THR D 146 29.25 -5.88 -6.65
C THR D 146 28.95 -5.04 -7.90
N ASP D 147 29.23 -5.62 -9.08
CA ASP D 147 29.07 -4.90 -10.33
C ASP D 147 27.68 -4.29 -10.46
N SER D 148 26.64 -5.07 -10.22
CA SER D 148 25.29 -4.55 -10.23
C SER D 148 25.10 -3.53 -9.12
N GLU D 149 24.39 -2.43 -9.44
CA GLU D 149 24.14 -1.38 -8.47
C GLU D 149 23.19 -1.82 -7.37
N SER D 150 22.21 -2.66 -7.68
CA SER D 150 21.14 -3.00 -6.76
C SER D 150 21.46 -4.20 -5.89
N THR D 151 22.72 -4.62 -5.81
CA THR D 151 23.09 -5.80 -5.02
C THR D 151 24.27 -5.47 -4.12
N LEU D 152 24.30 -6.13 -2.96
CA LEU D 152 25.39 -5.97 -2.00
C LEU D 152 25.84 -7.34 -1.52
N LEU D 153 27.12 -7.45 -1.16
CA LEU D 153 27.67 -8.68 -0.60
C LEU D 153 28.14 -8.42 0.82
N PHE D 154 27.85 -9.35 1.72
CA PHE D 154 28.29 -9.27 3.10
C PHE D 154 29.04 -10.54 3.46
N ARG D 155 30.13 -10.38 4.21
CA ARG D 155 31.02 -11.49 4.55
C ARG D 155 31.03 -11.67 6.06
N TYR D 156 30.82 -12.91 6.50
CA TYR D 156 30.87 -13.28 7.92
C TYR D 156 31.94 -14.35 8.08
N GLN D 157 33.04 -13.98 8.73
CA GLN D 157 34.17 -14.88 8.89
C GLN D 157 34.26 -15.42 10.31
#